data_3IXL
#
_entry.id   3IXL
#
_cell.length_a   38.392
_cell.length_b   63.353
_cell.length_c   82.413
_cell.angle_alpha   90.00
_cell.angle_beta   90.00
_cell.angle_gamma   90.00
#
_symmetry.space_group_name_H-M   'P 21 2 21'
#
loop_
_entity.id
_entity.type
_entity.pdbx_description
1 polymer 'Arylmalonate decarboxylase'
2 non-polymer 'SULFATE ION'
3 non-polymer '2-PHENYLACETIC ACID'
4 non-polymer GLYCEROL
5 water water
#
_entity_poly.entity_id   1
_entity_poly.type   'polypeptide(L)'
_entity_poly.pdbx_seq_one_letter_code
;MQQASTPTIGMIVPPAAGLVPADGARLYPDLPFIASGLGLGSVTPEGYDAVIESVVDHARRLQKQGAAVVSLMCTSLSFY
RGAAFNAALTVAMREATGLPCTTMSTAVLNGLRALGVRRVALATAYIDDVNERLAAFLAEESLVPTG(CME)RSLGITGV
EAMARVDTATLVDLCVRAFEAAPDSDGILLSSGGLLTLDAIPEVERRLGVPVVSSSPAGFWDAVRLAGGGAKARPGYGRL
FDES
;
_entity_poly.pdbx_strand_id   A
#
loop_
_chem_comp.id
_chem_comp.type
_chem_comp.name
_chem_comp.formula
GOL non-polymer GLYCEROL 'C3 H8 O3'
PAC non-polymer '2-PHENYLACETIC ACID' 'C8 H8 O2'
SO4 non-polymer 'SULFATE ION' 'O4 S -2'
#
# COMPACT_ATOMS: atom_id res chain seq x y z
N THR A 6 -9.52 -23.24 1.68
CA THR A 6 -8.82 -21.96 2.04
C THR A 6 -8.79 -21.01 0.84
N PRO A 7 -9.38 -19.81 0.99
CA PRO A 7 -9.34 -18.81 -0.08
C PRO A 7 -7.93 -18.33 -0.39
N THR A 8 -7.58 -18.36 -1.67
CA THR A 8 -6.33 -17.80 -2.16
C THR A 8 -6.52 -16.31 -2.37
N ILE A 9 -5.52 -15.52 -1.97
CA ILE A 9 -5.56 -14.08 -2.21
C ILE A 9 -4.60 -13.74 -3.34
N GLY A 10 -5.10 -13.10 -4.38
CA GLY A 10 -4.29 -12.77 -5.54
C GLY A 10 -3.79 -11.35 -5.50
N MET A 11 -2.55 -11.15 -5.93
CA MET A 11 -1.90 -9.83 -5.89
C MET A 11 -1.22 -9.49 -7.20
N ILE A 12 -1.55 -8.32 -7.75
CA ILE A 12 -0.88 -7.79 -8.92
C ILE A 12 0.25 -6.88 -8.40
N VAL A 13 1.50 -7.21 -8.75
CA VAL A 13 2.66 -6.53 -8.17
C VAL A 13 3.52 -5.85 -9.25
N PRO A 14 4.18 -4.74 -8.91
CA PRO A 14 5.03 -4.08 -9.91
C PRO A 14 6.18 -4.89 -10.58
N PRO A 15 7.00 -5.66 -9.82
CA PRO A 15 8.15 -6.26 -10.50
C PRO A 15 7.75 -7.35 -11.50
N ALA A 16 8.55 -7.48 -12.57
CA ALA A 16 8.29 -8.47 -13.62
C ALA A 16 8.21 -9.88 -13.07
N ALA A 17 9.04 -10.16 -12.06
CA ALA A 17 9.13 -11.50 -11.46
C ALA A 17 7.81 -11.98 -10.86
N GLY A 18 6.94 -11.06 -10.45
CA GLY A 18 5.62 -11.42 -9.94
C GLY A 18 5.66 -12.17 -8.63
N LEU A 19 6.52 -11.72 -7.72
CA LEU A 19 6.68 -12.37 -6.43
C LEU A 19 5.63 -11.87 -5.46
N VAL A 20 5.22 -12.74 -4.54
CA VAL A 20 4.39 -12.31 -3.42
C VAL A 20 5.26 -11.37 -2.58
N PRO A 21 4.75 -10.17 -2.28
CA PRO A 21 5.56 -9.29 -1.44
C PRO A 21 5.93 -9.97 -0.12
N ALA A 22 7.16 -9.72 0.34
CA ALA A 22 7.75 -10.45 1.45
C ALA A 22 6.98 -10.33 2.77
N ASP A 23 6.21 -9.25 2.92
CA ASP A 23 5.49 -9.05 4.17
C ASP A 23 4.45 -10.12 4.47
N GLY A 24 3.92 -10.76 3.43
CA GLY A 24 2.82 -11.72 3.61
C GLY A 24 3.18 -12.92 4.47
N ALA A 25 4.40 -13.41 4.29
CA ALA A 25 4.90 -14.58 5.04
C ALA A 25 5.08 -14.28 6.52
N ARG A 26 5.24 -13.00 6.86
CA ARG A 26 5.43 -12.57 8.23
C ARG A 26 4.09 -12.19 8.88
N LEU A 27 3.28 -11.43 8.17
CA LEU A 27 1.99 -11.00 8.71
C LEU A 27 0.98 -12.13 8.83
N TYR A 28 0.87 -12.92 7.76
CA TYR A 28 -0.15 -13.95 7.64
C TYR A 28 0.49 -15.25 7.16
N PRO A 29 1.33 -15.87 8.02
CA PRO A 29 2.10 -17.04 7.58
C PRO A 29 1.25 -18.23 7.16
N ASP A 30 0.01 -18.29 7.63
CA ASP A 30 -0.84 -19.44 7.31
C ASP A 30 -1.89 -19.16 6.23
N LEU A 31 -1.74 -18.03 5.54
CA LEU A 31 -2.61 -17.70 4.40
C LEU A 31 -1.86 -17.85 3.08
N PRO A 32 -2.53 -18.42 2.05
CA PRO A 32 -1.93 -18.51 0.72
C PRO A 32 -2.12 -17.25 -0.12
N PHE A 33 -1.01 -16.77 -0.68
CA PHE A 33 -1.03 -15.64 -1.60
C PHE A 33 -0.43 -16.05 -2.91
N ILE A 34 -1.00 -15.58 -4.01
CA ILE A 34 -0.44 -15.78 -5.34
C ILE A 34 -0.30 -14.42 -6.00
N ALA A 35 0.65 -14.30 -6.92
CA ALA A 35 0.96 -13.00 -7.49
C ALA A 35 1.24 -13.08 -8.97
N SER A 36 1.08 -11.94 -9.62
CA SER A 36 1.31 -11.80 -11.04
C SER A 36 1.97 -10.44 -11.25
N GLY A 37 3.05 -10.41 -12.01
CA GLY A 37 3.91 -9.23 -12.12
C GLY A 37 3.72 -8.37 -13.35
N LEU A 38 3.70 -7.06 -13.14
CA LEU A 38 3.47 -6.10 -14.22
C LEU A 38 4.70 -5.79 -15.06
N GLY A 39 5.88 -5.83 -14.44
CA GLY A 39 7.10 -5.37 -15.11
C GLY A 39 7.26 -3.87 -15.13
N LEU A 40 6.85 -3.19 -14.05
CA LEU A 40 7.01 -1.75 -13.96
C LEU A 40 8.48 -1.35 -14.05
N GLY A 41 8.77 -0.34 -14.86
CA GLY A 41 10.16 0.08 -15.12
C GLY A 41 10.72 1.13 -14.18
N SER A 42 9.87 2.01 -13.67
CA SER A 42 10.24 3.03 -12.72
C SER A 42 8.99 3.48 -11.98
N VAL A 43 9.18 3.97 -10.77
CA VAL A 43 8.07 4.45 -9.95
C VAL A 43 7.86 5.92 -10.31
N THR A 44 7.34 6.13 -11.52
CA THR A 44 7.07 7.45 -12.06
C THR A 44 5.82 7.31 -12.94
N PRO A 45 5.08 8.42 -13.16
CA PRO A 45 3.96 8.42 -14.10
C PRO A 45 4.28 7.82 -15.49
N GLU A 46 5.45 8.15 -16.03
CA GLU A 46 5.87 7.56 -17.30
C GLU A 46 5.95 6.03 -17.18
N GLY A 47 6.47 5.55 -16.05
CA GLY A 47 6.51 4.12 -15.80
C GLY A 47 5.12 3.53 -15.66
N TYR A 48 4.25 4.20 -14.91
CA TYR A 48 2.89 3.70 -14.72
C TYR A 48 2.16 3.57 -16.05
N ASP A 49 2.31 4.59 -16.90
CA ASP A 49 1.59 4.60 -18.17
C ASP A 49 1.92 3.36 -19.02
N ALA A 50 3.14 2.83 -18.86
CA ALA A 50 3.59 1.69 -19.66
C ALA A 50 3.02 0.34 -19.24
N VAL A 51 2.47 0.26 -18.02
CA VAL A 51 1.93 -1.01 -17.52
C VAL A 51 0.48 -0.95 -17.06
N ILE A 52 -0.06 0.25 -16.85
CA ILE A 52 -1.38 0.39 -16.23
C ILE A 52 -2.47 -0.34 -17.02
N GLU A 53 -2.32 -0.40 -18.34
CA GLU A 53 -3.34 -1.01 -19.18
C GLU A 53 -3.42 -2.52 -19.04
N SER A 54 -2.37 -3.13 -18.47
CA SER A 54 -2.31 -4.58 -18.31
C SER A 54 -2.92 -5.08 -17.01
N VAL A 55 -3.27 -4.16 -16.12
CA VAL A 55 -3.79 -4.53 -14.81
C VAL A 55 -5.00 -5.48 -14.92
N VAL A 56 -5.94 -5.14 -15.79
CA VAL A 56 -7.14 -5.98 -15.94
C VAL A 56 -6.81 -7.41 -16.38
N ASP A 57 -5.85 -7.55 -17.28
CA ASP A 57 -5.44 -8.88 -17.75
C ASP A 57 -4.79 -9.69 -16.64
N HIS A 58 -4.01 -9.03 -15.78
CA HIS A 58 -3.40 -9.71 -14.64
C HIS A 58 -4.47 -10.13 -13.63
N ALA A 59 -5.48 -9.29 -13.44
CA ALA A 59 -6.62 -9.65 -12.58
C ALA A 59 -7.31 -10.93 -13.09
N ARG A 60 -7.54 -11.00 -14.40
CA ARG A 60 -8.15 -12.16 -15.02
C ARG A 60 -7.28 -13.41 -14.85
N ARG A 61 -5.97 -13.27 -14.98
CA ARG A 61 -5.07 -14.43 -14.76
C ARG A 61 -5.25 -14.96 -13.35
N LEU A 62 -5.21 -14.06 -12.37
CA LEU A 62 -5.38 -14.47 -10.98
C LEU A 62 -6.74 -15.14 -10.71
N GLN A 63 -7.79 -14.61 -11.36
CA GLN A 63 -9.10 -15.24 -11.28
C GLN A 63 -9.06 -16.69 -11.80
N LYS A 64 -8.43 -16.88 -12.95
CA LYS A 64 -8.33 -18.21 -13.53
C LYS A 64 -7.57 -19.16 -12.60
N GLN A 65 -6.59 -18.62 -11.88
CA GLN A 65 -5.83 -19.41 -10.91
C GLN A 65 -6.60 -19.74 -9.63
N GLY A 66 -7.84 -19.25 -9.52
CA GLY A 66 -8.68 -19.58 -8.37
C GLY A 66 -8.65 -18.57 -7.23
N ALA A 67 -8.07 -17.40 -7.48
CA ALA A 67 -8.05 -16.35 -6.46
C ALA A 67 -9.46 -16.03 -5.99
N ALA A 68 -9.61 -15.80 -4.68
CA ALA A 68 -10.89 -15.40 -4.11
C ALA A 68 -11.06 -13.87 -4.11
N VAL A 69 -9.94 -13.16 -4.10
CA VAL A 69 -9.91 -11.70 -4.16
C VAL A 69 -8.67 -11.29 -4.93
N VAL A 70 -8.71 -10.10 -5.55
CA VAL A 70 -7.53 -9.58 -6.25
C VAL A 70 -7.25 -8.18 -5.74
N SER A 71 -5.98 -7.93 -5.39
CA SER A 71 -5.54 -6.58 -5.03
C SER A 71 -4.43 -6.11 -5.95
N LEU A 72 -4.57 -4.89 -6.46
CA LEU A 72 -3.47 -4.23 -7.13
C LEU A 72 -2.55 -3.67 -6.06
N MET A 73 -1.42 -4.34 -5.86
CA MET A 73 -0.51 -4.03 -4.76
C MET A 73 0.54 -2.98 -5.14
N CYS A 74 0.05 -1.81 -5.55
CA CYS A 74 0.90 -0.65 -5.80
C CYS A 74 0.08 0.59 -5.49
N THR A 75 0.61 1.42 -4.59
CA THR A 75 -0.09 2.61 -4.14
C THR A 75 -0.13 3.62 -5.27
N SER A 76 1.05 3.96 -5.79
CA SER A 76 1.14 5.03 -6.77
C SER A 76 0.50 4.70 -8.12
N LEU A 77 0.57 3.45 -8.55
CA LEU A 77 -0.11 3.03 -9.78
C LEU A 77 -1.61 3.26 -9.64
N SER A 78 -2.13 3.16 -8.41
CA SER A 78 -3.55 3.34 -8.17
C SER A 78 -4.00 4.76 -7.77
N PHE A 79 -3.07 5.61 -7.32
CA PHE A 79 -3.44 6.99 -6.99
C PHE A 79 -2.99 8.07 -7.98
N TYR A 80 -2.12 7.74 -8.93
CA TYR A 80 -1.47 8.80 -9.70
C TYR A 80 -2.39 9.63 -10.59
N ARG A 81 -3.58 9.10 -10.87
CA ARG A 81 -4.54 9.78 -11.72
C ARG A 81 -5.70 10.34 -10.92
N GLY A 82 -5.64 10.22 -9.60
CA GLY A 82 -6.69 10.75 -8.73
C GLY A 82 -7.64 9.68 -8.24
N ALA A 83 -8.56 10.10 -7.37
CA ALA A 83 -9.49 9.18 -6.70
C ALA A 83 -10.48 8.48 -7.63
N ALA A 84 -11.02 9.22 -8.60
CA ALA A 84 -11.98 8.62 -9.53
C ALA A 84 -11.35 7.45 -10.28
N PHE A 85 -10.10 7.59 -10.71
CA PHE A 85 -9.46 6.50 -11.46
C PHE A 85 -9.21 5.27 -10.57
N ASN A 86 -8.80 5.50 -9.33
CA ASN A 86 -8.67 4.39 -8.38
C ASN A 86 -9.98 3.60 -8.32
N ALA A 87 -11.09 4.30 -8.21
CA ALA A 87 -12.40 3.64 -8.13
C ALA A 87 -12.76 2.95 -9.46
N ALA A 88 -12.51 3.63 -10.59
CA ALA A 88 -12.87 3.08 -11.90
C ALA A 88 -12.04 1.85 -12.26
N LEU A 89 -10.76 1.89 -11.90
CA LEU A 89 -9.89 0.75 -12.12
C LEU A 89 -10.36 -0.45 -11.30
N THR A 90 -10.75 -0.21 -10.06
CA THR A 90 -11.29 -1.29 -9.21
C THR A 90 -12.52 -1.92 -9.84
N VAL A 91 -13.43 -1.09 -10.33
CA VAL A 91 -14.65 -1.57 -10.97
C VAL A 91 -14.33 -2.38 -12.22
N ALA A 92 -13.37 -1.91 -13.02
CA ALA A 92 -12.94 -2.63 -14.23
C ALA A 92 -12.39 -4.00 -13.89
N MET A 93 -11.57 -4.07 -12.84
CA MET A 93 -11.03 -5.35 -12.36
C MET A 93 -12.17 -6.28 -11.94
N ARG A 94 -13.13 -5.74 -11.21
CA ARG A 94 -14.24 -6.55 -10.73
C ARG A 94 -15.09 -7.07 -11.89
N GLU A 95 -15.37 -6.21 -12.87
CA GLU A 95 -16.17 -6.63 -14.02
C GLU A 95 -15.46 -7.66 -14.88
N ALA A 96 -14.13 -7.63 -14.86
CA ALA A 96 -13.31 -8.58 -15.61
C ALA A 96 -13.22 -9.96 -14.94
N THR A 97 -13.43 -10.01 -13.62
CA THR A 97 -13.15 -11.22 -12.84
C THR A 97 -14.37 -11.82 -12.13
N GLY A 98 -15.34 -10.97 -11.82
CA GLY A 98 -16.44 -11.36 -10.96
C GLY A 98 -16.04 -11.52 -9.50
N LEU A 99 -14.87 -10.98 -9.14
CA LEU A 99 -14.31 -11.17 -7.80
C LEU A 99 -14.25 -9.86 -7.02
N PRO A 100 -14.21 -9.95 -5.68
CA PRO A 100 -13.88 -8.76 -4.88
C PRO A 100 -12.49 -8.27 -5.29
N CYS A 101 -12.39 -7.00 -5.65
CA CYS A 101 -11.12 -6.41 -6.05
C CYS A 101 -10.86 -5.17 -5.24
N THR A 102 -9.57 -4.88 -5.06
CA THR A 102 -9.15 -3.71 -4.31
C THR A 102 -7.79 -3.22 -4.82
N THR A 103 -7.31 -2.12 -4.25
CA THR A 103 -6.01 -1.57 -4.61
C THR A 103 -5.29 -1.12 -3.33
N MET A 104 -3.98 -0.98 -3.43
CA MET A 104 -3.18 -0.53 -2.30
C MET A 104 -3.55 0.90 -1.87
N SER A 105 -4.02 1.72 -2.81
CA SER A 105 -4.53 3.04 -2.40
C SER A 105 -5.80 2.95 -1.57
N THR A 106 -6.74 2.10 -1.98
CA THR A 106 -7.92 1.86 -1.17
C THR A 106 -7.52 1.29 0.20
N ALA A 107 -6.52 0.40 0.19
CA ALA A 107 -6.03 -0.19 1.44
C ALA A 107 -5.56 0.88 2.41
N VAL A 108 -4.79 1.84 1.95
CA VAL A 108 -4.27 2.83 2.90
C VAL A 108 -5.37 3.79 3.34
N LEU A 109 -6.31 4.11 2.45
CA LEU A 109 -7.47 4.92 2.88
C LEU A 109 -8.24 4.19 3.97
N ASN A 110 -8.49 2.89 3.74
CA ASN A 110 -9.21 2.10 4.72
C ASN A 110 -8.45 2.03 6.05
N GLY A 111 -7.14 1.87 5.98
CA GLY A 111 -6.32 1.77 7.19
C GLY A 111 -6.30 3.08 7.96
N LEU A 112 -6.13 4.18 7.26
CA LEU A 112 -6.15 5.49 7.90
C LEU A 112 -7.48 5.75 8.61
N ARG A 113 -8.57 5.44 7.94
CA ARG A 113 -9.90 5.61 8.55
C ARG A 113 -10.10 4.68 9.76
N ALA A 114 -9.66 3.44 9.63
CA ALA A 114 -9.74 2.48 10.74
C ALA A 114 -9.03 2.98 11.99
N LEU A 115 -7.97 3.76 11.81
CA LEU A 115 -7.17 4.26 12.91
C LEU A 115 -7.53 5.69 13.31
N GLY A 116 -8.59 6.24 12.71
CA GLY A 116 -9.08 7.58 13.05
C GLY A 116 -8.14 8.70 12.63
N VAL A 117 -7.42 8.49 11.53
CA VAL A 117 -6.47 9.47 11.05
C VAL A 117 -7.11 10.35 9.99
N ARG A 118 -7.24 11.64 10.29
CA ARG A 118 -7.75 12.62 9.34
C ARG A 118 -6.59 13.50 8.85
N ARG A 119 -5.79 13.99 9.79
CA ARG A 119 -4.62 14.79 9.48
C ARG A 119 -3.42 13.86 9.46
N VAL A 120 -2.79 13.74 8.29
CA VAL A 120 -1.85 12.67 8.05
C VAL A 120 -0.51 13.20 7.55
N ALA A 121 0.56 12.92 8.29
CA ALA A 121 1.90 13.25 7.86
C ALA A 121 2.35 12.19 6.84
N LEU A 122 3.06 12.62 5.81
CA LEU A 122 3.49 11.70 4.75
C LEU A 122 4.98 11.41 4.82
N ALA A 123 5.33 10.13 4.84
CA ALA A 123 6.71 9.69 4.80
C ALA A 123 6.76 8.75 3.62
N THR A 124 7.42 9.16 2.53
CA THR A 124 7.31 8.37 1.29
C THR A 124 8.66 8.05 0.67
N ALA A 125 8.64 7.11 -0.27
CA ALA A 125 9.82 6.72 -1.00
C ALA A 125 10.02 7.58 -2.25
N TYR A 126 9.03 8.42 -2.58
CA TYR A 126 8.89 8.94 -3.95
C TYR A 126 9.55 10.26 -4.27
N ILE A 127 9.63 10.53 -5.57
CA ILE A 127 9.94 11.88 -6.07
C ILE A 127 8.68 12.77 -6.00
N ASP A 128 8.87 14.07 -6.10
CA ASP A 128 7.80 15.01 -5.74
C ASP A 128 6.57 15.06 -6.63
N ASP A 129 6.71 14.73 -7.91
CA ASP A 129 5.50 14.66 -8.75
C ASP A 129 4.56 13.62 -8.16
N VAL A 130 5.12 12.49 -7.76
CA VAL A 130 4.33 11.42 -7.17
C VAL A 130 3.80 11.84 -5.78
N ASN A 131 4.63 12.54 -4.98
CA ASN A 131 4.18 13.05 -3.68
C ASN A 131 3.03 14.03 -3.78
N GLU A 132 3.06 14.89 -4.80
CA GLU A 132 1.99 15.85 -5.04
C GLU A 132 0.71 15.12 -5.39
N ARG A 133 0.82 14.08 -6.22
CA ARG A 133 -0.35 13.29 -6.61
C ARG A 133 -0.94 12.53 -5.41
N LEU A 134 -0.07 12.04 -4.53
CA LEU A 134 -0.53 11.41 -3.30
C LEU A 134 -1.31 12.41 -2.45
N ALA A 135 -0.75 13.59 -2.22
CA ALA A 135 -1.44 14.61 -1.44
C ALA A 135 -2.80 14.99 -2.04
N ALA A 136 -2.85 15.12 -3.36
CA ALA A 136 -4.10 15.46 -4.05
C ALA A 136 -5.15 14.35 -3.89
N PHE A 137 -4.71 13.10 -4.03
CA PHE A 137 -5.57 11.94 -3.84
C PHE A 137 -6.16 11.93 -2.43
N LEU A 138 -5.30 12.10 -1.43
CA LEU A 138 -5.78 12.09 -0.04
C LEU A 138 -6.78 13.21 0.22
N ALA A 139 -6.50 14.41 -0.30
CA ALA A 139 -7.43 15.54 -0.17
C ALA A 139 -8.78 15.26 -0.84
N GLU A 140 -8.75 14.63 -2.02
CA GLU A 140 -9.98 14.23 -2.72
C GLU A 140 -10.82 13.29 -1.86
N GLU A 141 -10.14 12.52 -1.01
CA GLU A 141 -10.78 11.52 -0.16
C GLU A 141 -11.04 12.03 1.26
N SER A 142 -11.03 13.35 1.41
CA SER A 142 -11.39 14.03 2.67
C SER A 142 -10.38 13.83 3.81
N LEU A 143 -9.14 13.57 3.45
CA LEU A 143 -8.05 13.56 4.42
C LEU A 143 -7.22 14.82 4.25
N VAL A 144 -6.41 15.14 5.25
CA VAL A 144 -5.62 16.36 5.24
C VAL A 144 -4.14 16.02 5.36
N PRO A 145 -3.42 16.02 4.22
CA PRO A 145 -1.97 15.79 4.29
C PRO A 145 -1.30 16.98 4.98
N THR A 146 -0.35 16.69 5.84
CA THR A 146 0.30 17.72 6.64
C THR A 146 1.79 17.80 6.28
N GLY A 147 2.67 17.36 7.17
CA GLY A 147 4.10 17.31 6.86
C GLY A 147 4.43 16.26 5.81
N CME A 148 5.53 16.46 5.09
CA CME A 148 5.97 15.50 4.08
CB CME A 148 5.40 15.85 2.70
SG CME A 148 5.66 14.59 1.47
SD CME A 148 7.51 14.84 0.82
CE CME A 148 7.56 16.34 -0.10
CZ CME A 148 9.00 16.80 -0.18
OH CME A 148 9.79 15.77 -0.80
C CME A 148 7.48 15.42 4.07
O CME A 148 8.16 16.44 3.97
N ARG A 149 8.00 14.21 4.20
CA ARG A 149 9.41 13.93 3.91
C ARG A 149 9.47 12.73 2.99
N SER A 150 10.43 12.73 2.08
CA SER A 150 10.51 11.66 1.09
C SER A 150 11.94 11.29 0.72
N LEU A 151 12.07 10.12 0.11
CA LEU A 151 13.39 9.58 -0.24
C LEU A 151 13.80 9.84 -1.70
N GLY A 152 12.85 10.24 -2.55
CA GLY A 152 13.18 10.56 -3.94
C GLY A 152 13.71 9.40 -4.78
N ILE A 153 13.15 8.21 -4.54
CA ILE A 153 13.56 6.98 -5.23
C ILE A 153 12.58 6.63 -6.35
N THR A 154 13.09 6.25 -7.51
CA THR A 154 12.21 5.73 -8.57
C THR A 154 12.48 4.28 -8.93
N GLY A 155 13.55 3.70 -8.42
CA GLY A 155 13.86 2.30 -8.74
C GLY A 155 13.13 1.34 -7.81
N VAL A 156 12.53 0.30 -8.38
CA VAL A 156 11.84 -0.71 -7.57
C VAL A 156 12.79 -1.42 -6.60
N GLU A 157 13.91 -1.95 -7.12
CA GLU A 157 14.92 -2.61 -6.29
C GLU A 157 15.54 -1.70 -5.23
N ALA A 158 15.75 -0.44 -5.60
CA ALA A 158 16.33 0.53 -4.68
C ALA A 158 15.47 0.70 -3.43
N MET A 159 14.15 0.63 -3.59
CA MET A 159 13.26 0.80 -2.45
C MET A 159 13.40 -0.34 -1.44
N ALA A 160 13.59 -1.57 -1.92
CA ALA A 160 13.77 -2.72 -1.04
C ALA A 160 15.07 -2.66 -0.23
N ARG A 161 16.00 -1.81 -0.65
CA ARG A 161 17.30 -1.71 0.01
C ARG A 161 17.31 -0.73 1.20
N VAL A 162 16.25 0.07 1.34
CA VAL A 162 16.20 1.06 2.42
C VAL A 162 16.02 0.31 3.75
N ASP A 163 16.89 0.63 4.71
CA ASP A 163 16.89 -0.06 6.00
C ASP A 163 15.85 0.48 6.99
N THR A 164 15.57 -0.32 8.01
CA THR A 164 14.57 0.01 9.02
C THR A 164 14.82 1.34 9.70
N ALA A 165 16.07 1.59 10.12
CA ALA A 165 16.34 2.82 10.87
C ALA A 165 16.15 4.09 10.04
N THR A 166 16.46 3.99 8.74
CA THR A 166 16.20 5.10 7.82
C THR A 166 14.70 5.38 7.74
N LEU A 167 13.90 4.31 7.70
CA LEU A 167 12.45 4.48 7.62
C LEU A 167 11.85 5.03 8.91
N VAL A 168 12.37 4.57 10.06
CA VAL A 168 11.92 5.13 11.34
C VAL A 168 12.21 6.63 11.38
N ASP A 169 13.42 7.00 10.99
CA ASP A 169 13.81 8.41 10.98
C ASP A 169 12.97 9.25 10.01
N LEU A 170 12.66 8.69 8.84
CA LEU A 170 11.82 9.37 7.87
C LEU A 170 10.44 9.70 8.44
N CYS A 171 9.84 8.73 9.12
CA CYS A 171 8.54 8.93 9.76
C CYS A 171 8.60 9.98 10.87
N VAL A 172 9.64 9.89 11.71
CA VAL A 172 9.78 10.83 12.81
C VAL A 172 9.98 12.26 12.27
N ARG A 173 10.83 12.42 11.25
CA ARG A 173 11.04 13.76 10.66
C ARG A 173 9.77 14.30 10.00
N ALA A 174 9.01 13.45 9.32
CA ALA A 174 7.75 13.88 8.71
C ALA A 174 6.74 14.34 9.76
N PHE A 175 6.66 13.59 10.86
CA PHE A 175 5.76 13.92 11.95
C PHE A 175 6.20 15.20 12.67
N GLU A 176 7.50 15.37 12.86
CA GLU A 176 8.01 16.55 13.57
C GLU A 176 7.79 17.82 12.77
N ALA A 177 7.60 17.67 11.46
CA ALA A 177 7.23 18.79 10.60
C ALA A 177 5.76 19.25 10.80
N ALA A 178 4.95 18.40 11.43
CA ALA A 178 3.54 18.70 11.74
C ALA A 178 3.10 17.84 12.93
N PRO A 179 3.57 18.19 14.15
CA PRO A 179 3.43 17.30 15.31
C PRO A 179 2.03 17.24 15.93
N ASP A 180 1.07 17.97 15.36
CA ASP A 180 -0.33 17.83 15.78
C ASP A 180 -1.13 16.98 14.80
N SER A 181 -0.42 16.20 13.97
CA SER A 181 -1.05 15.26 13.05
C SER A 181 -1.63 14.06 13.79
N ASP A 182 -2.61 13.38 13.18
CA ASP A 182 -3.26 12.23 13.81
C ASP A 182 -2.47 10.94 13.61
N GLY A 183 -1.66 10.90 12.56
CA GLY A 183 -0.95 9.68 12.20
C GLY A 183 -0.06 9.90 11.02
N ILE A 184 0.56 8.82 10.56
CA ILE A 184 1.56 8.87 9.52
C ILE A 184 1.22 7.86 8.43
N LEU A 185 1.31 8.29 7.18
CA LEU A 185 1.28 7.36 6.06
C LEU A 185 2.70 7.15 5.55
N LEU A 186 3.17 5.91 5.64
CA LEU A 186 4.46 5.51 5.10
C LEU A 186 4.17 4.85 3.76
N SER A 187 4.43 5.60 2.69
CA SER A 187 3.95 5.21 1.37
C SER A 187 5.03 4.65 0.47
N SER A 188 4.69 3.48 -0.08
CA SER A 188 5.37 2.70 -1.12
C SER A 188 5.43 1.26 -0.67
N GLY A 189 4.81 0.41 -1.49
CA GLY A 189 4.79 -1.02 -1.26
C GLY A 189 6.12 -1.67 -1.57
N GLY A 190 7.11 -0.86 -1.98
CA GLY A 190 8.44 -1.41 -2.27
C GLY A 190 9.35 -1.38 -1.06
N LEU A 191 8.90 -0.70 -0.02
CA LEU A 191 9.66 -0.57 1.22
C LEU A 191 9.40 -1.75 2.13
N LEU A 192 10.43 -2.14 2.87
CA LEU A 192 10.32 -3.20 3.88
C LEU A 192 10.21 -2.52 5.23
N THR A 193 8.96 -2.39 5.69
CA THR A 193 8.61 -1.50 6.78
C THR A 193 8.18 -2.18 8.08
N LEU A 194 8.11 -3.51 8.08
CA LEU A 194 7.50 -4.20 9.22
C LEU A 194 8.17 -3.95 10.57
N ASP A 195 9.49 -3.80 10.59
CA ASP A 195 10.19 -3.54 11.84
C ASP A 195 10.16 -2.05 12.21
N ALA A 196 9.94 -1.20 11.21
CA ALA A 196 9.87 0.25 11.45
C ALA A 196 8.58 0.67 12.14
N ILE A 197 7.47 0.07 11.72
CA ILE A 197 6.14 0.50 12.19
C ILE A 197 6.00 0.50 13.73
N PRO A 198 6.23 -0.65 14.40
CA PRO A 198 6.04 -0.61 15.86
C PRO A 198 6.98 0.36 16.56
N GLU A 199 8.17 0.58 16.01
CA GLU A 199 9.12 1.50 16.62
C GLU A 199 8.63 2.94 16.51
N VAL A 200 8.13 3.32 15.34
CA VAL A 200 7.56 4.66 15.17
C VAL A 200 6.36 4.88 16.09
N GLU A 201 5.46 3.89 16.13
CA GLU A 201 4.26 4.00 16.97
C GLU A 201 4.63 4.12 18.46
N ARG A 202 5.64 3.35 18.89
CA ARG A 202 6.15 3.40 20.27
C ARG A 202 6.68 4.80 20.59
N ARG A 203 7.52 5.32 19.71
CA ARG A 203 8.19 6.60 19.98
C ARG A 203 7.27 7.81 19.91
N LEU A 204 6.30 7.79 18.99
CA LEU A 204 5.48 8.96 18.74
C LEU A 204 4.09 8.92 19.35
N GLY A 205 3.57 7.71 19.60
CA GLY A 205 2.23 7.56 20.16
C GLY A 205 1.12 7.87 19.18
N VAL A 206 1.44 7.83 17.89
CA VAL A 206 0.43 7.94 16.84
C VAL A 206 0.55 6.73 15.93
N PRO A 207 -0.56 6.35 15.25
CA PRO A 207 -0.52 5.19 14.37
C PRO A 207 0.19 5.46 13.04
N VAL A 208 0.76 4.40 12.48
CA VAL A 208 1.36 4.42 11.14
C VAL A 208 0.61 3.46 10.23
N VAL A 209 0.25 3.94 9.05
CA VAL A 209 -0.29 3.07 8.00
C VAL A 209 0.78 2.98 6.93
N SER A 210 1.21 1.76 6.62
CA SER A 210 2.29 1.54 5.66
C SER A 210 1.71 0.80 4.46
N SER A 211 2.12 1.20 3.26
CA SER A 211 1.55 0.66 2.01
C SER A 211 1.47 -0.88 1.93
N SER A 212 2.59 -1.56 2.03
CA SER A 212 2.59 -3.01 1.83
C SER A 212 1.76 -3.73 2.90
N PRO A 213 2.07 -3.49 4.19
CA PRO A 213 1.26 -4.14 5.23
C PRO A 213 -0.23 -3.79 5.12
N ALA A 214 -0.56 -2.54 4.84
CA ALA A 214 -1.98 -2.17 4.68
C ALA A 214 -2.60 -2.93 3.51
N GLY A 215 -1.85 -3.11 2.43
CA GLY A 215 -2.33 -3.88 1.28
C GLY A 215 -2.72 -5.30 1.68
N PHE A 216 -1.88 -5.93 2.49
CA PHE A 216 -2.20 -7.27 3.01
C PHE A 216 -3.43 -7.26 3.91
N TRP A 217 -3.45 -6.32 4.84
CA TRP A 217 -4.57 -6.20 5.78
C TRP A 217 -5.87 -6.04 5.02
N ASP A 218 -5.85 -5.20 4.00
CA ASP A 218 -7.05 -4.86 3.23
C ASP A 218 -7.50 -6.02 2.34
N ALA A 219 -6.54 -6.75 1.76
CA ALA A 219 -6.87 -7.93 0.96
C ALA A 219 -7.48 -9.02 1.83
N VAL A 220 -6.92 -9.21 3.02
CA VAL A 220 -7.44 -10.20 3.96
C VAL A 220 -8.83 -9.79 4.45
N ARG A 221 -9.01 -8.50 4.66
CA ARG A 221 -10.33 -7.92 4.97
C ARG A 221 -11.35 -8.33 3.91
N LEU A 222 -10.99 -8.11 2.64
CA LEU A 222 -11.88 -8.39 1.51
C LEU A 222 -12.19 -9.87 1.36
N ALA A 223 -11.26 -10.72 1.79
CA ALA A 223 -11.45 -12.17 1.76
C ALA A 223 -12.52 -12.65 2.75
N GLY A 224 -12.89 -11.79 3.70
CA GLY A 224 -14.05 -11.98 4.55
C GLY A 224 -14.02 -13.14 5.54
N GLY A 225 -12.82 -13.60 5.90
CA GLY A 225 -12.70 -14.68 6.89
C GLY A 225 -12.35 -14.16 8.27
N GLY A 226 -11.99 -12.88 8.35
CA GLY A 226 -11.61 -12.25 9.61
C GLY A 226 -10.29 -12.74 10.18
N ALA A 227 -9.41 -13.23 9.29
CA ALA A 227 -8.10 -13.72 9.68
C ALA A 227 -7.29 -12.59 10.31
N LYS A 228 -6.53 -12.93 11.36
CA LYS A 228 -5.76 -11.91 12.08
C LYS A 228 -4.26 -12.12 11.88
N ALA A 229 -3.52 -11.02 11.82
CA ALA A 229 -2.08 -11.09 11.63
C ALA A 229 -1.37 -11.50 12.92
N ARG A 230 -0.15 -12.00 12.76
CA ARG A 230 0.73 -12.18 13.90
C ARG A 230 0.94 -10.81 14.57
N PRO A 231 1.16 -10.79 15.90
CA PRO A 231 1.22 -9.52 16.62
C PRO A 231 2.53 -8.76 16.42
N GLY A 232 2.48 -7.45 16.68
CA GLY A 232 3.68 -6.61 16.70
C GLY A 232 3.99 -5.85 15.43
N TYR A 233 3.04 -5.79 14.50
CA TYR A 233 3.26 -5.09 13.24
C TYR A 233 2.47 -3.79 13.13
N GLY A 234 1.95 -3.33 14.26
CA GLY A 234 1.30 -2.03 14.33
C GLY A 234 -0.15 -2.09 14.74
N ARG A 235 -0.66 -0.94 15.17
CA ARG A 235 -2.05 -0.81 15.59
C ARG A 235 -3.07 -1.22 14.54
N LEU A 236 -2.74 -1.05 13.26
CA LEU A 236 -3.67 -1.44 12.20
C LEU A 236 -4.08 -2.91 12.40
N PHE A 237 -3.09 -3.75 12.68
CA PHE A 237 -3.32 -5.17 12.83
C PHE A 237 -3.80 -5.53 14.22
N ASP A 238 -3.16 -4.95 15.23
CA ASP A 238 -3.38 -5.42 16.59
C ASP A 238 -4.68 -4.90 17.20
N GLU A 239 -5.27 -3.88 16.61
CA GLU A 239 -6.52 -3.34 17.13
C GLU A 239 -7.76 -4.07 16.59
N SER A 240 -7.71 -5.40 16.70
CA SER A 240 -8.83 -6.28 16.38
C SER A 240 -8.71 -7.56 17.21
S SO4 B . 13.08 4.98 -17.04
O1 SO4 B . 13.94 4.46 -15.97
O2 SO4 B . 11.69 4.78 -16.68
O3 SO4 B . 13.33 6.42 -17.21
O4 SO4 B . 13.39 4.30 -18.29
C1 PAC C . 4.02 2.11 -4.64
C2 PAC C . 5.15 1.60 -5.51
C1' PAC C . 5.67 0.18 -5.38
C2' PAC C . 7.00 -0.02 -5.72
C3' PAC C . 7.58 -1.29 -5.65
C4' PAC C . 6.80 -2.38 -5.24
C5' PAC C . 5.46 -2.18 -4.90
C6' PAC C . 4.88 -0.91 -4.97
O1 PAC C . 3.48 1.40 -3.74
O2 PAC C . 3.66 3.30 -4.87
C1 GOL D . 16.19 -0.34 -9.23
O1 GOL D . 15.65 -1.22 -10.19
C2 GOL D . 17.61 0.04 -9.58
O2 GOL D . 18.47 -1.04 -9.26
C3 GOL D . 18.03 1.27 -8.78
O3 GOL D . 17.50 2.44 -9.37
#